data_2SCP
#
_entry.id   2SCP
#
_cell.length_a   43.600
_cell.length_b   56.000
_cell.length_c   65.800
_cell.angle_alpha   90.00
_cell.angle_beta   92.60
_cell.angle_gamma   90.00
#
_symmetry.space_group_name_H-M   'P 1 21 1'
#
loop_
_entity.id
_entity.type
_entity.pdbx_description
1 polymer 'SARCOPLASMIC CALCIUM-BINDING PROTEIN'
2 non-polymer 'CALCIUM ION'
3 water water
#
_entity_poly.entity_id   1
_entity_poly.type   'polypeptide(L)'
_entity_poly.pdbx_seq_one_letter_code
;SDLWVQKMKTYFNRIDFDKDGAITRMDFESMAERFAKESEMKAEHAKVLMDSLTGVWDNFLTAVAGGKGIDETTFINSMK
EMVKNPEAKSVVEGPLPLFFRAVDTNEDNNISRDEYGIFFGMLGLDKTMAPASFDAIDTNNDGLLSLEEFVIAGSDFFMN
DGDSTNKVFWGPLV
;
_entity_poly.pdbx_strand_id   A,B
#
loop_
_chem_comp.id
_chem_comp.type
_chem_comp.name
_chem_comp.formula
CA non-polymer 'CALCIUM ION' 'Ca 2'
#
# COMPACT_ATOMS: atom_id res chain seq x y z
N SER A 1 -5.22 25.54 -2.23
CA SER A 1 -6.57 25.31 -1.58
C SER A 1 -6.40 25.35 -0.07
N ASP A 2 -6.91 26.38 0.55
CA ASP A 2 -6.82 26.74 1.95
C ASP A 2 -6.83 25.56 2.94
N LEU A 3 -8.04 25.06 3.13
CA LEU A 3 -8.32 23.94 4.01
C LEU A 3 -7.42 22.76 3.60
N TRP A 4 -7.23 22.55 2.30
CA TRP A 4 -6.43 21.41 1.83
C TRP A 4 -4.97 21.57 2.27
N VAL A 5 -4.47 22.81 2.18
CA VAL A 5 -3.09 23.06 2.63
C VAL A 5 -3.01 22.77 4.14
N GLN A 6 -4.05 23.21 4.80
CA GLN A 6 -4.13 23.04 6.28
C GLN A 6 -4.15 21.59 6.69
N LYS A 7 -4.83 20.77 5.94
CA LYS A 7 -4.86 19.30 6.24
C LYS A 7 -3.46 18.72 6.04
N MET A 8 -2.79 19.12 4.97
CA MET A 8 -1.45 18.57 4.67
C MET A 8 -0.50 18.99 5.79
N LYS A 9 -0.63 20.25 6.17
CA LYS A 9 0.24 20.72 7.29
C LYS A 9 0.00 19.89 8.53
N THR A 10 -1.26 19.54 8.77
CA THR A 10 -1.62 18.75 9.96
C THR A 10 -1.02 17.35 9.88
N TYR A 11 -1.23 16.70 8.77
CA TYR A 11 -0.68 15.35 8.53
C TYR A 11 0.83 15.41 8.73
N PHE A 12 1.48 16.39 8.14
CA PHE A 12 2.96 16.53 8.28
C PHE A 12 3.38 16.53 9.75
N ASN A 13 2.68 17.31 10.53
CA ASN A 13 2.92 17.47 11.95
C ASN A 13 2.84 16.11 12.69
N ARG A 14 1.72 15.44 12.47
CA ARG A 14 1.43 14.17 13.15
C ARG A 14 2.40 13.07 12.83
N ILE A 15 2.83 13.01 11.58
CA ILE A 15 3.82 11.99 11.11
C ILE A 15 5.26 12.32 11.38
N ASP A 16 5.52 13.60 11.64
CA ASP A 16 6.88 14.07 11.99
C ASP A 16 6.99 13.75 13.48
N PHE A 17 7.03 12.48 13.78
CA PHE A 17 7.08 11.92 15.14
C PHE A 17 8.11 12.55 16.08
N ASP A 18 9.35 12.66 15.67
CA ASP A 18 10.42 13.23 16.47
C ASP A 18 10.42 14.75 16.41
N LYS A 19 9.51 15.35 15.72
CA LYS A 19 9.33 16.80 15.58
C LYS A 19 10.53 17.59 15.08
N ASP A 20 11.39 17.04 14.25
CA ASP A 20 12.59 17.84 13.84
C ASP A 20 12.33 18.58 12.56
N GLY A 21 11.06 18.69 12.10
CA GLY A 21 10.82 19.45 10.87
C GLY A 21 10.97 18.70 9.59
N ALA A 22 11.36 17.42 9.67
CA ALA A 22 11.51 16.64 8.41
C ALA A 22 10.99 15.20 8.56
N ILE A 23 10.27 14.71 7.53
CA ILE A 23 9.78 13.32 7.64
C ILE A 23 10.99 12.47 7.22
N THR A 24 11.29 11.48 8.00
CA THR A 24 12.40 10.57 7.69
C THR A 24 11.93 9.17 8.11
N ARG A 25 12.68 8.19 7.70
CA ARG A 25 12.33 6.78 8.10
C ARG A 25 12.44 6.75 9.60
N MET A 26 13.29 7.58 10.17
CA MET A 26 13.47 7.62 11.64
C MET A 26 12.17 7.86 12.39
N ASP A 27 11.29 8.69 11.83
CA ASP A 27 9.99 9.01 12.45
C ASP A 27 9.17 7.75 12.64
N PHE A 28 9.16 6.97 11.53
CA PHE A 28 8.39 5.69 11.52
C PHE A 28 9.05 4.62 12.38
N GLU A 29 10.37 4.60 12.37
CA GLU A 29 11.14 3.66 13.21
C GLU A 29 10.83 3.89 14.70
N SER A 30 10.90 5.17 15.11
CA SER A 30 10.60 5.56 16.50
C SER A 30 9.15 5.37 16.88
N MET A 31 8.25 5.75 15.94
CA MET A 31 6.80 5.63 16.25
C MET A 31 6.53 4.15 16.55
N ALA A 32 7.06 3.30 15.69
CA ALA A 32 6.86 1.84 15.84
C ALA A 32 7.33 1.32 17.19
N GLU A 33 8.56 1.71 17.53
CA GLU A 33 9.23 1.28 18.77
C GLU A 33 8.44 1.67 19.99
N ARG A 34 7.91 2.92 19.98
CA ARG A 34 7.11 3.38 21.11
C ARG A 34 5.80 2.58 21.19
N PHE A 35 5.20 2.43 20.03
CA PHE A 35 3.93 1.70 19.88
C PHE A 35 4.11 0.28 20.41
N ALA A 36 5.18 -0.38 20.05
CA ALA A 36 5.45 -1.75 20.48
C ALA A 36 5.66 -1.86 21.99
N LYS A 37 6.16 -0.83 22.62
CA LYS A 37 6.46 -0.89 24.07
C LYS A 37 5.23 -0.72 24.94
N GLU A 38 4.52 0.36 24.60
CA GLU A 38 3.37 0.86 25.30
C GLU A 38 2.01 0.35 24.93
N SER A 39 1.84 -0.49 23.91
CA SER A 39 0.45 -0.92 23.66
C SER A 39 0.28 -2.38 24.07
N GLU A 40 -0.95 -2.73 24.32
CA GLU A 40 -1.33 -4.15 24.54
C GLU A 40 -1.47 -4.63 23.06
N MET A 41 -1.05 -5.84 22.85
CA MET A 41 -1.10 -6.46 21.53
C MET A 41 -0.74 -7.94 21.64
N LYS A 42 -0.99 -8.59 20.52
CA LYS A 42 -0.56 -10.01 20.39
C LYS A 42 0.95 -9.86 20.21
N ALA A 43 1.71 -10.67 20.88
CA ALA A 43 3.15 -10.70 20.93
C ALA A 43 3.79 -10.54 19.57
N GLU A 44 3.26 -11.27 18.62
CA GLU A 44 3.82 -11.27 17.25
C GLU A 44 3.58 -9.95 16.52
N HIS A 45 2.60 -9.21 16.97
CA HIS A 45 2.25 -7.91 16.37
C HIS A 45 3.36 -6.90 16.43
N ALA A 46 4.36 -7.07 17.29
CA ALA A 46 5.45 -6.09 17.39
C ALA A 46 6.25 -6.03 16.12
N LYS A 47 6.46 -7.19 15.51
CA LYS A 47 7.16 -7.19 14.23
C LYS A 47 6.26 -6.53 13.17
N VAL A 48 4.99 -6.88 13.15
CA VAL A 48 4.06 -6.33 12.14
C VAL A 48 4.14 -4.80 12.13
N LEU A 49 4.07 -4.28 13.33
CA LEU A 49 4.07 -2.83 13.59
C LEU A 49 5.25 -2.14 12.93
N MET A 50 6.43 -2.71 13.21
CA MET A 50 7.67 -2.17 12.69
C MET A 50 7.68 -2.27 11.16
N ASP A 51 7.31 -3.41 10.62
CA ASP A 51 7.32 -3.59 9.16
C ASP A 51 6.34 -2.66 8.45
N SER A 52 5.12 -2.58 8.96
CA SER A 52 4.05 -1.78 8.40
C SER A 52 4.27 -0.29 8.49
N LEU A 53 4.80 0.19 9.60
CA LEU A 53 5.01 1.66 9.77
C LEU A 53 6.22 2.07 8.97
N THR A 54 7.26 1.26 9.03
CA THR A 54 8.47 1.55 8.23
C THR A 54 8.14 1.35 6.74
N GLY A 55 7.24 0.44 6.44
CA GLY A 55 6.81 0.28 5.03
C GLY A 55 6.13 1.53 4.52
N VAL A 56 5.58 2.40 5.32
CA VAL A 56 4.98 3.68 4.87
C VAL A 56 6.07 4.53 4.18
N TRP A 57 7.21 4.59 4.83
CA TRP A 57 8.39 5.33 4.30
C TRP A 57 8.98 4.59 3.09
N ASP A 58 9.36 3.34 3.33
CA ASP A 58 10.02 2.51 2.34
C ASP A 58 9.30 2.42 0.99
N ASN A 59 7.98 2.27 0.99
CA ASN A 59 7.24 2.05 -0.27
C ASN A 59 6.57 3.30 -0.84
N PHE A 60 6.40 4.29 0.02
CA PHE A 60 5.68 5.50 -0.40
C PHE A 60 6.47 6.79 -0.33
N LEU A 61 6.71 7.26 0.90
CA LEU A 61 7.37 8.55 1.15
C LEU A 61 8.79 8.64 0.60
N THR A 62 9.46 7.53 0.46
CA THR A 62 10.83 7.48 -0.07
C THR A 62 10.86 8.06 -1.49
N ALA A 63 9.76 7.95 -2.19
CA ALA A 63 9.64 8.48 -3.55
C ALA A 63 9.49 9.99 -3.58
N VAL A 64 9.29 10.66 -2.46
CA VAL A 64 9.11 12.12 -2.47
C VAL A 64 10.35 12.95 -2.74
N ALA A 65 11.40 12.73 -2.00
CA ALA A 65 12.67 13.48 -2.15
C ALA A 65 13.78 12.48 -2.42
N GLY A 66 13.37 11.38 -3.01
CA GLY A 66 14.19 10.26 -3.37
C GLY A 66 15.15 9.80 -2.28
N GLY A 67 14.62 9.33 -1.14
CA GLY A 67 15.55 8.78 -0.12
C GLY A 67 15.73 9.55 1.14
N LYS A 68 15.64 10.88 1.10
CA LYS A 68 15.85 11.61 2.36
C LYS A 68 14.72 12.53 2.76
N GLY A 69 14.99 13.11 3.90
CA GLY A 69 14.17 13.98 4.69
C GLY A 69 13.25 14.85 3.86
N ILE A 70 12.01 14.91 4.30
CA ILE A 70 11.03 15.72 3.60
C ILE A 70 10.65 16.90 4.51
N ASP A 71 10.91 18.11 4.01
CA ASP A 71 10.58 19.33 4.82
C ASP A 71 9.11 19.58 4.50
N GLU A 72 8.50 20.42 5.29
CA GLU A 72 7.09 20.76 5.13
C GLU A 72 6.81 21.35 3.77
N THR A 73 7.74 22.15 3.23
CA THR A 73 7.41 22.74 1.92
C THR A 73 7.42 21.69 0.83
N THR A 74 8.46 20.87 0.83
CA THR A 74 8.55 19.80 -0.20
C THR A 74 7.36 18.84 -0.10
N PHE A 75 6.92 18.58 1.13
CA PHE A 75 5.80 17.66 1.36
C PHE A 75 4.56 18.17 0.61
N ILE A 76 4.18 19.39 0.92
CA ILE A 76 3.00 20.03 0.32
C ILE A 76 3.11 20.17 -1.18
N ASN A 77 4.29 20.58 -1.63
CA ASN A 77 4.56 20.73 -3.06
C ASN A 77 4.38 19.37 -3.73
N SER A 78 4.99 18.36 -3.12
CA SER A 78 4.92 16.99 -3.64
C SER A 78 3.49 16.49 -3.68
N MET A 79 2.82 16.45 -2.54
CA MET A 79 1.41 16.00 -2.50
C MET A 79 0.52 16.73 -3.50
N LYS A 80 0.78 17.99 -3.66
CA LYS A 80 0.00 18.88 -4.56
C LYS A 80 -0.05 18.30 -5.98
N GLU A 81 1.11 17.85 -6.40
CA GLU A 81 1.37 17.21 -7.72
C GLU A 81 0.73 15.83 -7.81
N MET A 82 0.89 15.06 -6.75
CA MET A 82 0.40 13.70 -6.63
C MET A 82 -1.12 13.57 -6.69
N VAL A 83 -1.82 14.58 -6.22
CA VAL A 83 -3.28 14.50 -6.18
C VAL A 83 -3.88 14.93 -7.51
N LYS A 84 -3.06 15.46 -8.38
CA LYS A 84 -3.47 15.93 -9.70
C LYS A 84 -4.01 14.86 -10.62
N ASN A 85 -3.44 13.68 -10.59
CA ASN A 85 -3.84 12.54 -11.42
C ASN A 85 -4.81 11.62 -10.69
N PRO A 86 -6.07 11.73 -11.07
CA PRO A 86 -7.15 10.93 -10.45
C PRO A 86 -6.92 9.43 -10.65
N GLU A 87 -6.12 9.08 -11.63
CA GLU A 87 -5.86 7.68 -11.92
C GLU A 87 -4.74 7.07 -11.13
N ALA A 88 -3.94 7.89 -10.42
CA ALA A 88 -2.84 7.33 -9.63
C ALA A 88 -3.02 7.56 -8.13
N LYS A 89 -4.22 7.64 -7.64
CA LYS A 89 -4.56 7.93 -6.25
C LYS A 89 -3.93 6.99 -5.21
N SER A 90 -3.78 5.75 -5.66
CA SER A 90 -3.23 4.71 -4.76
C SER A 90 -1.82 4.99 -4.33
N VAL A 91 -1.15 5.94 -5.04
CA VAL A 91 0.22 6.28 -4.63
C VAL A 91 0.10 7.16 -3.37
N VAL A 92 -0.98 7.88 -3.22
CA VAL A 92 -1.22 8.74 -2.06
C VAL A 92 -1.98 7.94 -0.97
N GLU A 93 -2.89 7.09 -1.45
CA GLU A 93 -3.75 6.30 -0.59
C GLU A 93 -3.16 5.02 -0.05
N GLY A 94 -2.18 4.48 -0.73
CA GLY A 94 -1.43 3.28 -0.44
C GLY A 94 -1.04 3.00 1.01
N PRO A 95 -0.56 4.01 1.74
CA PRO A 95 -0.19 3.86 3.12
C PRO A 95 -1.39 3.59 4.07
N LEU A 96 -2.62 3.87 3.68
CA LEU A 96 -3.71 3.68 4.69
C LEU A 96 -3.78 2.28 5.27
N PRO A 97 -3.76 1.25 4.42
CA PRO A 97 -3.82 -0.14 4.82
C PRO A 97 -2.65 -0.53 5.71
N LEU A 98 -1.50 0.10 5.48
CA LEU A 98 -0.35 -0.18 6.37
C LEU A 98 -0.63 0.42 7.74
N PHE A 99 -1.17 1.64 7.76
CA PHE A 99 -1.49 2.29 9.08
C PHE A 99 -2.52 1.41 9.83
N PHE A 100 -3.48 0.95 9.01
CA PHE A 100 -4.54 0.10 9.55
C PHE A 100 -3.95 -1.15 10.20
N ARG A 101 -3.10 -1.82 9.47
CA ARG A 101 -2.49 -3.09 9.97
C ARG A 101 -1.75 -2.85 11.28
N ALA A 102 -0.98 -1.77 11.34
CA ALA A 102 -0.22 -1.49 12.59
C ALA A 102 -1.17 -1.23 13.72
N VAL A 103 -2.24 -0.46 13.50
CA VAL A 103 -3.17 -0.10 14.59
C VAL A 103 -4.04 -1.24 15.10
N ASP A 104 -4.31 -2.25 14.32
CA ASP A 104 -5.11 -3.43 14.67
C ASP A 104 -4.23 -4.40 15.53
N THR A 105 -4.00 -3.97 16.75
CA THR A 105 -3.08 -4.75 17.61
C THR A 105 -3.57 -6.10 17.99
N ASN A 106 -4.87 -6.35 17.98
CA ASN A 106 -5.35 -7.72 18.33
C ASN A 106 -5.56 -8.49 17.02
N GLU A 107 -5.22 -7.88 15.90
CA GLU A 107 -5.35 -8.48 14.56
C GLU A 107 -6.65 -9.14 14.23
N ASP A 108 -7.74 -8.50 14.62
CA ASP A 108 -9.08 -9.07 14.35
C ASP A 108 -9.59 -8.43 13.08
N ASN A 109 -8.80 -7.59 12.41
CA ASN A 109 -9.22 -6.94 11.18
C ASN A 109 -10.16 -5.77 11.31
N ASN A 110 -10.38 -5.25 12.50
CA ASN A 110 -11.25 -4.12 12.75
C ASN A 110 -10.43 -3.22 13.74
N ILE A 111 -10.67 -1.95 13.72
CA ILE A 111 -10.03 -1.11 14.75
C ILE A 111 -11.13 -0.75 15.74
N SER A 112 -10.87 -1.08 17.00
CA SER A 112 -11.81 -0.77 18.09
C SER A 112 -11.45 0.60 18.66
N ARG A 113 -12.37 1.11 19.42
CA ARG A 113 -12.22 2.41 20.10
C ARG A 113 -10.94 2.42 20.91
N ASP A 114 -10.66 1.36 21.68
CA ASP A 114 -9.41 1.32 22.46
C ASP A 114 -8.20 1.39 21.57
N GLU A 115 -8.19 0.61 20.49
CA GLU A 115 -7.04 0.60 19.54
C GLU A 115 -6.86 1.97 18.93
N TYR A 116 -7.96 2.62 18.57
CA TYR A 116 -7.88 3.96 17.97
C TYR A 116 -7.33 5.00 18.95
N GLY A 117 -7.81 4.94 20.19
CA GLY A 117 -7.37 5.82 21.27
C GLY A 117 -5.86 5.71 21.48
N ILE A 118 -5.36 4.49 21.46
CA ILE A 118 -3.94 4.19 21.61
C ILE A 118 -3.14 4.78 20.46
N PHE A 119 -3.75 4.72 19.27
CA PHE A 119 -3.13 5.27 18.06
C PHE A 119 -2.94 6.80 18.26
N PHE A 120 -4.01 7.45 18.66
CA PHE A 120 -3.96 8.94 18.87
C PHE A 120 -2.87 9.26 19.88
N GLY A 121 -2.84 8.45 20.93
CA GLY A 121 -1.83 8.57 21.98
C GLY A 121 -0.42 8.37 21.47
N MET A 122 -0.22 7.54 20.47
CA MET A 122 1.13 7.29 19.94
C MET A 122 1.57 8.56 19.17
N LEU A 123 0.63 9.20 18.51
CA LEU A 123 0.88 10.46 17.78
C LEU A 123 1.06 11.64 18.74
N GLY A 124 1.05 11.43 20.03
CA GLY A 124 1.23 12.51 21.03
C GLY A 124 -0.06 13.26 21.30
N LEU A 125 -1.17 12.86 20.72
CA LEU A 125 -2.47 13.54 20.93
C LEU A 125 -3.20 13.06 22.17
N ASP A 126 -3.99 13.99 22.69
CA ASP A 126 -4.86 13.77 23.85
C ASP A 126 -5.97 12.82 23.41
N LYS A 127 -6.05 11.71 24.15
CA LYS A 127 -6.98 10.61 23.86
C LYS A 127 -8.41 11.08 23.84
N THR A 128 -8.64 12.22 24.46
CA THR A 128 -10.01 12.75 24.48
C THR A 128 -10.34 13.33 23.14
N MET A 129 -9.42 13.45 22.21
CA MET A 129 -9.73 13.95 20.86
C MET A 129 -10.09 12.78 19.91
N ALA A 130 -9.88 11.55 20.37
CA ALA A 130 -10.15 10.40 19.49
C ALA A 130 -11.57 10.21 19.05
N PRO A 131 -12.53 10.32 19.97
CA PRO A 131 -13.92 10.03 19.63
C PRO A 131 -14.43 10.77 18.45
N ALA A 132 -14.19 12.07 18.35
CA ALA A 132 -14.71 12.86 17.19
C ALA A 132 -14.16 12.32 15.87
N SER A 133 -12.89 11.91 15.87
CA SER A 133 -12.29 11.38 14.62
C SER A 133 -12.83 9.97 14.36
N PHE A 134 -12.90 9.14 15.39
CA PHE A 134 -13.40 7.76 15.28
C PHE A 134 -14.82 7.80 14.66
N ASP A 135 -15.66 8.60 15.23
CA ASP A 135 -17.06 8.79 14.90
C ASP A 135 -17.25 9.19 13.45
N ALA A 136 -16.36 9.99 12.92
CA ALA A 136 -16.39 10.39 11.51
C ALA A 136 -16.10 9.23 10.59
N ILE A 137 -15.22 8.32 11.01
CA ILE A 137 -14.83 7.18 10.17
C ILE A 137 -15.86 6.06 10.25
N ASP A 138 -16.44 5.87 11.43
CA ASP A 138 -17.42 4.80 11.68
C ASP A 138 -18.79 5.11 11.03
N THR A 139 -18.91 5.04 9.72
CA THR A 139 -20.17 5.37 9.08
C THR A 139 -21.33 4.45 9.36
N ASN A 140 -21.09 3.20 9.72
CA ASN A 140 -22.24 2.29 9.99
C ASN A 140 -22.53 2.22 11.47
N ASN A 141 -21.78 2.96 12.27
CA ASN A 141 -22.04 3.08 13.69
C ASN A 141 -22.01 1.78 14.47
N ASP A 142 -21.27 0.79 14.04
CA ASP A 142 -21.17 -0.52 14.68
C ASP A 142 -20.08 -0.46 15.75
N GLY A 143 -19.45 0.71 15.92
CA GLY A 143 -18.43 0.87 16.97
C GLY A 143 -17.08 0.30 16.70
N LEU A 144 -16.80 0.00 15.43
CA LEU A 144 -15.52 -0.51 14.97
C LEU A 144 -15.10 0.19 13.67
N LEU A 145 -13.86 0.22 13.33
CA LEU A 145 -13.43 0.73 12.02
C LEU A 145 -13.01 -0.47 11.14
N SER A 146 -13.71 -0.65 10.02
CA SER A 146 -13.35 -1.72 9.05
C SER A 146 -12.22 -1.11 8.15
N LEU A 147 -11.49 -1.92 7.41
CA LEU A 147 -10.44 -1.41 6.53
C LEU A 147 -11.05 -0.44 5.51
N GLU A 148 -12.22 -0.82 5.01
CA GLU A 148 -12.97 -0.10 4.03
C GLU A 148 -13.30 1.30 4.59
N GLU A 149 -13.92 1.41 5.76
CA GLU A 149 -14.24 2.74 6.32
C GLU A 149 -13.00 3.63 6.49
N PHE A 150 -11.95 3.02 6.96
CA PHE A 150 -10.66 3.68 7.24
C PHE A 150 -10.05 4.25 5.97
N VAL A 151 -9.97 3.42 4.92
CA VAL A 151 -9.38 3.93 3.68
C VAL A 151 -10.31 4.97 3.02
N ILE A 152 -11.63 4.78 3.08
CA ILE A 152 -12.52 5.76 2.45
C ILE A 152 -12.36 7.13 3.13
N ALA A 153 -12.38 7.12 4.47
CA ALA A 153 -12.22 8.39 5.18
C ALA A 153 -10.83 9.02 4.93
N GLY A 154 -9.80 8.20 4.95
CA GLY A 154 -8.41 8.64 4.77
C GLY A 154 -8.26 9.23 3.36
N SER A 155 -8.95 8.56 2.44
CA SER A 155 -8.90 9.00 1.01
C SER A 155 -9.54 10.37 0.94
N ASP A 156 -10.63 10.56 1.60
CA ASP A 156 -11.33 11.87 1.63
C ASP A 156 -10.40 12.94 2.26
N PHE A 157 -9.73 12.55 3.33
CA PHE A 157 -8.80 13.54 3.98
C PHE A 157 -7.77 14.04 2.99
N PHE A 158 -7.13 13.13 2.27
CA PHE A 158 -6.07 13.48 1.34
C PHE A 158 -6.52 14.22 0.09
N MET A 159 -7.68 13.79 -0.39
CA MET A 159 -8.19 14.27 -1.67
C MET A 159 -9.19 15.37 -1.68
N ASN A 160 -9.96 15.59 -0.69
CA ASN A 160 -10.99 16.66 -0.72
C ASN A 160 -10.36 18.06 -0.59
N ASP A 161 -10.74 18.89 -1.53
CA ASP A 161 -10.32 20.29 -1.59
C ASP A 161 -11.23 21.14 -0.70
N GLY A 162 -12.39 20.57 -0.42
CA GLY A 162 -13.37 21.24 0.42
C GLY A 162 -13.44 20.57 1.80
N ASP A 163 -14.26 21.16 2.62
CA ASP A 163 -14.52 20.78 4.01
C ASP A 163 -15.39 19.52 4.08
N SER A 164 -15.02 18.60 4.93
CA SER A 164 -15.79 17.35 5.13
C SER A 164 -15.59 16.91 6.57
N THR A 165 -16.28 15.87 7.01
CA THR A 165 -16.06 15.47 8.43
C THR A 165 -14.70 14.78 8.60
N ASN A 166 -14.15 14.25 7.52
CA ASN A 166 -12.86 13.54 7.56
C ASN A 166 -11.63 14.45 7.61
N LYS A 167 -11.87 15.75 7.66
CA LYS A 167 -10.74 16.69 7.78
C LYS A 167 -9.96 16.41 9.08
N VAL A 168 -10.61 15.83 10.08
CA VAL A 168 -9.96 15.54 11.33
C VAL A 168 -9.42 14.10 11.40
N PHE A 169 -9.23 13.47 10.27
CA PHE A 169 -8.69 12.10 10.24
C PHE A 169 -7.45 11.98 11.10
N TRP A 170 -6.56 13.00 11.09
CA TRP A 170 -5.31 12.93 11.85
C TRP A 170 -5.32 13.80 13.12
N GLY A 171 -6.48 14.03 13.65
CA GLY A 171 -6.68 14.84 14.86
C GLY A 171 -7.01 16.27 14.44
N PRO A 172 -6.94 17.14 15.43
CA PRO A 172 -7.26 18.57 15.24
C PRO A 172 -6.32 19.25 14.25
N LEU A 173 -6.84 20.13 13.42
CA LEU A 173 -6.11 20.84 12.40
C LEU A 173 -5.24 21.97 12.99
N VAL A 174 -4.05 22.11 12.42
CA VAL A 174 -3.11 23.16 12.80
C VAL A 174 -3.54 24.49 12.04
N SER B 1 -17.21 -9.69 -16.97
CA SER B 1 -16.92 -10.46 -15.76
C SER B 1 -16.16 -11.71 -16.20
N ASP B 2 -16.55 -12.26 -17.35
CA ASP B 2 -15.77 -13.46 -17.80
C ASP B 2 -14.31 -13.08 -17.88
N LEU B 3 -14.00 -11.99 -18.57
CA LEU B 3 -12.60 -11.60 -18.70
C LEU B 3 -12.02 -11.18 -17.35
N TRP B 4 -12.79 -10.48 -16.56
CA TRP B 4 -12.34 -10.03 -15.23
C TRP B 4 -11.96 -11.24 -14.36
N VAL B 5 -12.86 -12.20 -14.36
CA VAL B 5 -12.64 -13.45 -13.60
C VAL B 5 -11.38 -14.13 -14.10
N GLN B 6 -11.13 -14.04 -15.41
CA GLN B 6 -9.96 -14.66 -16.04
C GLN B 6 -8.68 -14.01 -15.51
N LYS B 7 -8.72 -12.69 -15.50
CA LYS B 7 -7.60 -11.85 -14.98
C LYS B 7 -7.32 -12.21 -13.51
N MET B 8 -8.33 -12.28 -12.67
CA MET B 8 -8.19 -12.64 -11.25
C MET B 8 -7.51 -14.00 -11.10
N LYS B 9 -7.97 -14.96 -11.92
CA LYS B 9 -7.41 -16.31 -11.92
C LYS B 9 -5.93 -16.31 -12.30
N THR B 10 -5.58 -15.40 -13.19
CA THR B 10 -4.24 -15.21 -13.71
C THR B 10 -3.41 -14.60 -12.58
N TYR B 11 -3.89 -13.51 -12.00
CA TYR B 11 -3.16 -12.94 -10.83
C TYR B 11 -2.91 -14.06 -9.78
N PHE B 12 -3.97 -14.78 -9.48
CA PHE B 12 -3.93 -15.91 -8.56
C PHE B 12 -2.85 -16.88 -8.96
N ASN B 13 -2.79 -17.31 -10.21
CA ASN B 13 -1.78 -18.26 -10.72
C ASN B 13 -0.34 -17.80 -10.43
N ARG B 14 -0.14 -16.55 -10.75
CA ARG B 14 1.14 -15.84 -10.69
C ARG B 14 1.73 -15.76 -9.29
N ILE B 15 0.90 -15.34 -8.35
CA ILE B 15 1.29 -15.15 -6.96
C ILE B 15 1.33 -16.45 -6.17
N ASP B 16 0.67 -17.47 -6.72
CA ASP B 16 0.70 -18.79 -6.08
C ASP B 16 2.06 -19.36 -6.52
N PHE B 17 3.10 -18.79 -5.94
CA PHE B 17 4.48 -19.14 -6.34
C PHE B 17 4.80 -20.60 -6.27
N ASP B 18 4.44 -21.32 -5.24
CA ASP B 18 4.79 -22.76 -5.17
C ASP B 18 3.86 -23.60 -6.03
N LYS B 19 2.66 -23.11 -6.25
CA LYS B 19 1.64 -23.81 -7.05
C LYS B 19 0.92 -24.85 -6.20
N ASP B 20 0.63 -24.53 -4.95
CA ASP B 20 -0.06 -25.50 -4.08
C ASP B 20 -1.56 -25.23 -4.10
N GLY B 21 -1.99 -24.23 -4.83
CA GLY B 21 -3.45 -23.96 -4.87
C GLY B 21 -3.86 -23.03 -3.76
N ALA B 22 -2.88 -22.55 -3.01
CA ALA B 22 -3.16 -21.58 -1.94
C ALA B 22 -2.12 -20.46 -1.89
N ILE B 23 -2.65 -19.25 -1.67
CA ILE B 23 -1.74 -18.10 -1.55
C ILE B 23 -1.41 -18.00 -0.05
N THR B 24 -0.16 -18.04 0.28
CA THR B 24 0.26 -17.93 1.69
C THR B 24 1.47 -17.02 1.77
N ARG B 25 1.78 -16.61 2.99
CA ARG B 25 2.98 -15.71 3.16
C ARG B 25 4.18 -16.40 2.56
N MET B 26 4.23 -17.72 2.74
CA MET B 26 5.36 -18.50 2.19
C MET B 26 5.56 -18.23 0.70
N ASP B 27 4.46 -17.98 -0.01
CA ASP B 27 4.56 -17.71 -1.48
C ASP B 27 5.51 -16.55 -1.72
N PHE B 28 5.23 -15.49 -1.01
CA PHE B 28 6.00 -14.22 -1.07
C PHE B 28 7.43 -14.38 -0.61
N GLU B 29 7.63 -15.18 0.45
CA GLU B 29 8.99 -15.42 0.98
C GLU B 29 9.85 -16.13 -0.04
N SER B 30 9.34 -17.23 -0.58
CA SER B 30 10.02 -18.01 -1.62
C SER B 30 10.20 -17.15 -2.89
N MET B 31 9.16 -16.36 -3.18
CA MET B 31 9.31 -15.47 -4.37
C MET B 31 10.47 -14.50 -4.10
N ALA B 32 10.51 -13.94 -2.89
CA ALA B 32 11.54 -12.97 -2.50
C ALA B 32 12.93 -13.55 -2.71
N GLU B 33 13.04 -14.75 -2.17
CA GLU B 33 14.26 -15.56 -2.22
C GLU B 33 14.72 -15.86 -3.62
N ARG B 34 13.81 -16.24 -4.50
CA ARG B 34 14.19 -16.54 -5.89
C ARG B 34 14.50 -15.24 -6.63
N PHE B 35 13.79 -14.19 -6.28
CA PHE B 35 13.97 -12.88 -6.94
C PHE B 35 15.43 -12.41 -6.81
N ALA B 36 15.93 -12.54 -5.59
CA ALA B 36 17.27 -12.13 -5.22
C ALA B 36 18.31 -12.96 -5.96
N LYS B 37 18.06 -14.23 -6.13
CA LYS B 37 18.96 -15.15 -6.82
C LYS B 37 19.10 -14.75 -8.28
N GLU B 38 17.96 -14.50 -8.89
CA GLU B 38 17.89 -14.16 -10.31
C GLU B 38 18.44 -12.80 -10.65
N SER B 39 18.32 -11.84 -9.76
CA SER B 39 18.94 -10.51 -10.07
C SER B 39 20.31 -10.60 -9.40
N GLU B 40 21.07 -9.54 -9.50
CA GLU B 40 22.40 -9.56 -8.82
C GLU B 40 22.78 -8.12 -8.52
N MET B 41 21.84 -7.58 -7.78
CA MET B 41 21.66 -6.27 -7.21
C MET B 41 22.61 -6.17 -5.98
N LYS B 42 22.59 -4.98 -5.38
CA LYS B 42 23.41 -4.78 -4.18
C LYS B 42 22.65 -5.29 -2.95
N ALA B 43 23.46 -5.62 -1.97
CA ALA B 43 23.10 -6.16 -0.68
C ALA B 43 21.92 -5.45 -0.05
N GLU B 44 22.04 -4.14 0.07
CA GLU B 44 20.96 -3.33 0.66
C GLU B 44 19.61 -3.67 0.00
N HIS B 45 19.58 -3.92 -1.30
CA HIS B 45 18.27 -4.16 -1.94
C HIS B 45 17.66 -5.50 -1.60
N ALA B 46 18.49 -6.49 -1.28
CA ALA B 46 17.97 -7.82 -0.92
C ALA B 46 16.85 -7.65 0.13
N LYS B 47 17.14 -6.96 1.21
CA LYS B 47 16.16 -6.76 2.28
C LYS B 47 14.92 -6.01 1.79
N VAL B 48 15.14 -5.05 0.93
CA VAL B 48 14.02 -4.25 0.35
C VAL B 48 13.04 -5.24 -0.33
N LEU B 49 13.63 -6.06 -1.16
CA LEU B 49 12.87 -7.12 -1.87
C LEU B 49 12.00 -7.92 -0.92
N MET B 50 12.63 -8.48 0.11
CA MET B 50 11.94 -9.31 1.11
C MET B 50 10.82 -8.52 1.77
N ASP B 51 11.21 -7.36 2.29
CA ASP B 51 10.27 -6.49 3.03
C ASP B 51 9.06 -6.11 2.16
N SER B 52 9.37 -5.70 0.96
CA SER B 52 8.35 -5.26 0.00
C SER B 52 7.38 -6.37 -0.37
N LEU B 53 7.94 -7.51 -0.74
CA LEU B 53 7.12 -8.68 -1.16
C LEU B 53 6.28 -9.23 -0.03
N THR B 54 6.88 -9.54 1.11
CA THR B 54 6.10 -10.07 2.24
C THR B 54 5.08 -9.02 2.69
N GLY B 55 5.46 -7.76 2.43
CA GLY B 55 4.51 -6.66 2.81
C GLY B 55 3.21 -6.80 2.03
N VAL B 56 3.25 -7.44 0.85
CA VAL B 56 1.96 -7.55 0.09
C VAL B 56 1.03 -8.43 0.91
N TRP B 57 1.58 -9.54 1.41
CA TRP B 57 0.79 -10.44 2.23
C TRP B 57 0.43 -9.75 3.55
N ASP B 58 1.48 -9.31 4.27
CA ASP B 58 1.23 -8.75 5.60
C ASP B 58 0.16 -7.72 5.71
N ASN B 59 0.09 -6.76 4.80
CA ASN B 59 -0.83 -5.63 4.82
C ASN B 59 -2.07 -5.73 3.96
N PHE B 60 -1.97 -6.57 2.92
CA PHE B 60 -3.14 -6.66 2.00
C PHE B 60 -3.81 -8.01 1.93
N LEU B 61 -3.08 -9.11 1.66
CA LEU B 61 -3.81 -10.40 1.55
C LEU B 61 -4.27 -10.95 2.86
N THR B 62 -3.75 -10.38 3.95
CA THR B 62 -4.17 -10.96 5.29
C THR B 62 -5.58 -10.55 5.59
N ALA B 63 -6.06 -9.54 4.91
CA ALA B 63 -7.40 -9.01 5.07
C ALA B 63 -8.38 -9.98 4.41
N VAL B 64 -7.87 -10.87 3.56
CA VAL B 64 -8.73 -11.85 2.88
C VAL B 64 -9.19 -13.05 3.69
N ALA B 65 -8.36 -13.70 4.47
CA ALA B 65 -8.85 -14.87 5.24
C ALA B 65 -8.30 -14.90 6.65
N GLY B 66 -8.41 -13.71 7.29
CA GLY B 66 -7.95 -13.50 8.65
C GLY B 66 -6.55 -14.03 8.90
N GLY B 67 -5.76 -14.25 7.83
CA GLY B 67 -4.38 -14.72 8.02
C GLY B 67 -4.04 -16.06 7.44
N LYS B 68 -5.05 -16.83 7.10
CA LYS B 68 -4.81 -18.18 6.51
C LYS B 68 -4.61 -18.17 4.99
N GLY B 69 -4.17 -19.29 4.48
CA GLY B 69 -3.93 -19.51 3.03
C GLY B 69 -5.25 -19.32 2.28
N ILE B 70 -5.20 -18.58 1.19
CA ILE B 70 -6.34 -18.28 0.36
C ILE B 70 -6.39 -19.22 -0.86
N ASP B 71 -7.56 -19.78 -1.03
CA ASP B 71 -7.86 -20.69 -2.17
C ASP B 71 -8.37 -19.81 -3.30
N GLU B 72 -8.34 -20.39 -4.50
CA GLU B 72 -8.82 -19.63 -5.66
C GLU B 72 -10.20 -19.06 -5.51
N THR B 73 -11.22 -19.86 -5.16
CA THR B 73 -12.58 -19.35 -5.07
C THR B 73 -12.74 -18.27 -4.01
N THR B 74 -12.03 -18.42 -2.92
CA THR B 74 -12.10 -17.43 -1.83
C THR B 74 -11.50 -16.13 -2.38
N PHE B 75 -10.39 -16.33 -3.08
CA PHE B 75 -9.69 -15.19 -3.69
C PHE B 75 -10.64 -14.42 -4.60
N ILE B 76 -11.20 -15.08 -5.60
CA ILE B 76 -12.08 -14.38 -6.56
C ILE B 76 -13.30 -13.70 -5.96
N ASN B 77 -13.92 -14.33 -4.97
CA ASN B 77 -15.12 -13.78 -4.33
C ASN B 77 -14.79 -12.53 -3.52
N SER B 78 -13.67 -12.57 -2.84
CA SER B 78 -13.18 -11.46 -2.04
C SER B 78 -12.97 -10.27 -3.00
N MET B 79 -12.18 -10.55 -4.03
CA MET B 79 -11.85 -9.54 -5.06
C MET B 79 -13.11 -8.90 -5.65
N LYS B 80 -14.11 -9.74 -5.85
CA LYS B 80 -15.41 -9.32 -6.39
C LYS B 80 -16.05 -8.32 -5.43
N GLU B 81 -15.90 -8.56 -4.15
CA GLU B 81 -16.46 -7.69 -3.11
C GLU B 81 -15.64 -6.41 -2.98
N MET B 82 -14.33 -6.58 -3.06
CA MET B 82 -13.40 -5.46 -2.89
C MET B 82 -13.52 -4.44 -4.00
N VAL B 83 -13.70 -4.88 -5.25
CA VAL B 83 -13.76 -3.94 -6.37
C VAL B 83 -15.08 -3.24 -6.57
N LYS B 84 -16.07 -3.60 -5.78
CA LYS B 84 -17.44 -3.01 -5.88
C LYS B 84 -17.50 -1.56 -5.42
N ASN B 85 -16.76 -1.24 -4.38
CA ASN B 85 -16.74 0.14 -3.83
C ASN B 85 -15.46 0.79 -4.33
N PRO B 86 -15.56 1.58 -5.35
CA PRO B 86 -14.42 2.29 -5.95
C PRO B 86 -13.75 3.24 -4.99
N GLU B 87 -14.48 3.76 -3.99
CA GLU B 87 -13.83 4.66 -3.03
C GLU B 87 -12.79 3.95 -2.18
N ALA B 88 -12.94 2.63 -2.08
CA ALA B 88 -12.01 1.79 -1.33
C ALA B 88 -11.00 1.11 -2.22
N LYS B 89 -10.84 1.51 -3.45
CA LYS B 89 -9.90 0.96 -4.42
C LYS B 89 -8.49 0.68 -3.88
N SER B 90 -7.99 1.55 -3.00
CA SER B 90 -6.64 1.39 -2.46
C SER B 90 -6.35 0.08 -1.77
N VAL B 91 -7.38 -0.65 -1.31
CA VAL B 91 -7.08 -1.94 -0.66
C VAL B 91 -6.59 -2.92 -1.73
N VAL B 92 -7.13 -2.78 -2.92
CA VAL B 92 -6.83 -3.63 -4.06
C VAL B 92 -5.56 -3.22 -4.79
N GLU B 93 -5.45 -1.92 -5.00
CA GLU B 93 -4.33 -1.34 -5.75
C GLU B 93 -3.12 -1.04 -4.88
N GLY B 94 -3.33 -0.98 -3.59
CA GLY B 94 -2.32 -0.74 -2.55
C GLY B 94 -1.04 -1.46 -2.73
N PRO B 95 -1.01 -2.75 -3.09
CA PRO B 95 0.18 -3.50 -3.36
C PRO B 95 1.08 -3.09 -4.51
N LEU B 96 0.61 -2.41 -5.54
CA LEU B 96 1.38 -2.05 -6.74
C LEU B 96 2.65 -1.32 -6.41
N PRO B 97 2.62 -0.31 -5.55
CA PRO B 97 3.83 0.41 -5.14
C PRO B 97 4.83 -0.51 -4.47
N LEU B 98 4.31 -1.55 -3.80
CA LEU B 98 5.11 -2.54 -3.08
C LEU B 98 5.89 -3.40 -4.08
N PHE B 99 5.11 -3.86 -5.07
CA PHE B 99 5.72 -4.66 -6.16
C PHE B 99 6.77 -3.79 -6.88
N PHE B 100 6.40 -2.56 -7.18
CA PHE B 100 7.30 -1.60 -7.87
C PHE B 100 8.66 -1.53 -7.16
N ARG B 101 8.56 -1.27 -5.87
CA ARG B 101 9.73 -1.12 -4.98
C ARG B 101 10.61 -2.36 -5.00
N ALA B 102 9.97 -3.53 -5.06
CA ALA B 102 10.69 -4.80 -5.13
C ALA B 102 11.40 -4.94 -6.47
N VAL B 103 10.77 -4.65 -7.57
CA VAL B 103 11.31 -4.81 -8.93
C VAL B 103 12.38 -3.79 -9.28
N ASP B 104 12.29 -2.59 -8.67
CA ASP B 104 13.31 -1.57 -9.01
C ASP B 104 14.57 -1.84 -8.15
N THR B 105 15.31 -2.86 -8.58
CA THR B 105 16.48 -3.32 -7.90
C THR B 105 17.56 -2.25 -7.76
N ASN B 106 17.61 -1.32 -8.70
CA ASN B 106 18.66 -0.26 -8.62
C ASN B 106 18.10 1.01 -8.00
N GLU B 107 17.09 0.87 -7.16
CA GLU B 107 16.37 1.90 -6.46
C GLU B 107 16.36 3.27 -7.13
N ASP B 108 16.25 3.32 -8.44
CA ASP B 108 16.27 4.54 -9.26
C ASP B 108 14.90 5.09 -9.57
N ASN B 109 13.89 4.57 -8.90
CA ASN B 109 12.50 4.96 -9.04
C ASN B 109 11.91 4.68 -10.41
N ASN B 110 12.59 3.93 -11.21
CA ASN B 110 12.08 3.58 -12.54
C ASN B 110 12.31 2.06 -12.75
N ILE B 111 11.42 1.48 -13.53
CA ILE B 111 11.61 0.06 -13.91
C ILE B 111 12.08 0.07 -15.37
N SER B 112 13.20 -0.61 -15.57
CA SER B 112 13.75 -0.74 -16.95
C SER B 112 13.23 -2.10 -17.49
N ARG B 113 13.47 -2.34 -18.74
CA ARG B 113 13.10 -3.56 -19.43
C ARG B 113 13.81 -4.75 -18.82
N ASP B 114 15.04 -4.57 -18.45
CA ASP B 114 15.87 -5.61 -17.81
C ASP B 114 15.18 -6.07 -16.51
N GLU B 115 14.96 -5.10 -15.65
CA GLU B 115 14.31 -5.26 -14.35
C GLU B 115 12.94 -5.91 -14.47
N TYR B 116 12.13 -5.39 -15.37
CA TYR B 116 10.78 -5.90 -15.64
C TYR B 116 10.87 -7.36 -16.07
N GLY B 117 11.84 -7.61 -16.95
CA GLY B 117 12.10 -8.94 -17.52
C GLY B 117 12.46 -9.93 -16.42
N ILE B 118 13.27 -9.49 -15.46
CA ILE B 118 13.66 -10.39 -14.35
C ILE B 118 12.41 -10.73 -13.54
N PHE B 119 11.57 -9.74 -13.31
CA PHE B 119 10.28 -9.88 -12.61
C PHE B 119 9.47 -10.99 -13.31
N PHE B 120 9.27 -10.87 -14.62
CA PHE B 120 8.54 -11.91 -15.36
C PHE B 120 9.26 -13.28 -15.23
N GLY B 121 10.52 -13.29 -15.62
CA GLY B 121 11.31 -14.54 -15.55
C GLY B 121 11.09 -15.13 -14.17
N MET B 122 11.14 -14.22 -13.21
CA MET B 122 11.01 -14.63 -11.80
C MET B 122 9.74 -15.45 -11.61
N LEU B 123 8.64 -14.94 -12.12
CA LEU B 123 7.32 -15.54 -11.99
C LEU B 123 7.03 -16.76 -12.85
N GLY B 124 8.04 -17.36 -13.42
CA GLY B 124 7.83 -18.58 -14.23
C GLY B 124 7.46 -18.31 -15.67
N LEU B 125 7.47 -17.05 -16.05
CA LEU B 125 7.18 -16.69 -17.45
C LEU B 125 8.52 -16.55 -18.18
N ASP B 126 8.43 -16.70 -19.48
CA ASP B 126 9.62 -16.55 -20.34
C ASP B 126 9.64 -15.03 -20.66
N LYS B 127 10.84 -14.49 -20.57
CA LYS B 127 11.13 -13.08 -20.82
C LYS B 127 10.63 -12.56 -22.15
N THR B 128 10.16 -13.46 -23.00
CA THR B 128 9.66 -12.99 -24.31
C THR B 128 8.21 -12.57 -24.17
N MET B 129 7.62 -12.96 -23.07
CA MET B 129 6.21 -12.61 -22.78
C MET B 129 6.14 -11.19 -22.21
N ALA B 130 7.28 -10.66 -21.79
CA ALA B 130 7.38 -9.37 -21.14
C ALA B 130 7.16 -8.13 -21.96
N PRO B 131 7.85 -7.98 -23.08
CA PRO B 131 7.78 -6.81 -23.95
C PRO B 131 6.37 -6.38 -24.25
N ALA B 132 5.48 -7.34 -24.40
CA ALA B 132 4.07 -7.19 -24.65
C ALA B 132 3.39 -6.33 -23.56
N SER B 133 3.67 -6.74 -22.32
CA SER B 133 3.13 -6.05 -21.13
C SER B 133 3.84 -4.72 -20.89
N PHE B 134 5.15 -4.67 -21.02
CA PHE B 134 5.94 -3.45 -20.81
C PHE B 134 5.37 -2.26 -21.55
N ASP B 135 5.25 -2.43 -22.86
CA ASP B 135 4.75 -1.42 -23.80
C ASP B 135 3.33 -0.99 -23.55
N ALA B 136 2.54 -1.84 -22.90
CA ALA B 136 1.15 -1.48 -22.60
C ALA B 136 1.20 -0.46 -21.44
N ILE B 137 2.19 -0.65 -20.58
CA ILE B 137 2.43 0.19 -19.41
C ILE B 137 3.15 1.49 -19.76
N ASP B 138 4.12 1.41 -20.63
CA ASP B 138 4.92 2.59 -21.03
C ASP B 138 4.12 3.47 -21.97
N THR B 139 3.17 4.21 -21.44
CA THR B 139 2.28 5.07 -22.21
C THR B 139 2.90 6.27 -22.89
N ASN B 140 4.08 6.70 -22.52
CA ASN B 140 4.80 7.80 -23.16
C ASN B 140 6.00 7.30 -23.93
N ASN B 141 6.10 6.05 -24.30
CA ASN B 141 7.19 5.40 -25.02
C ASN B 141 8.57 6.04 -24.76
N ASP B 142 8.99 6.04 -23.52
CA ASP B 142 10.29 6.55 -23.07
C ASP B 142 11.13 5.40 -22.49
N GLY B 143 10.69 4.19 -22.74
CA GLY B 143 11.31 2.94 -22.35
C GLY B 143 11.54 2.73 -20.88
N LEU B 144 10.83 3.41 -20.03
CA LEU B 144 10.90 3.25 -18.56
C LEU B 144 9.49 3.30 -17.98
N LEU B 145 9.25 2.46 -16.97
CA LEU B 145 7.95 2.49 -16.27
C LEU B 145 8.12 3.34 -15.01
N SER B 146 7.40 4.43 -14.93
CA SER B 146 7.49 5.29 -13.69
C SER B 146 6.48 4.66 -12.71
N LEU B 147 6.53 5.08 -11.48
CA LEU B 147 5.60 4.56 -10.47
C LEU B 147 4.13 4.80 -10.87
N GLU B 148 3.87 6.01 -11.37
CA GLU B 148 2.57 6.45 -11.81
C GLU B 148 2.13 5.53 -12.98
N GLU B 149 3.03 5.33 -13.93
CA GLU B 149 2.64 4.44 -15.05
C GLU B 149 2.31 3.02 -14.53
N PHE B 150 3.13 2.55 -13.61
CA PHE B 150 2.93 1.18 -13.06
C PHE B 150 1.59 1.04 -12.39
N VAL B 151 1.19 2.00 -11.52
CA VAL B 151 -0.08 1.88 -10.81
C VAL B 151 -1.29 2.11 -11.70
N ILE B 152 -1.17 2.94 -12.72
CA ILE B 152 -2.34 3.21 -13.62
C ILE B 152 -2.67 1.94 -14.38
N ALA B 153 -1.64 1.31 -14.90
CA ALA B 153 -1.78 0.06 -15.65
C ALA B 153 -2.30 -1.03 -14.72
N GLY B 154 -1.65 -1.21 -13.59
CA GLY B 154 -2.06 -2.21 -12.58
C GLY B 154 -3.48 -2.10 -12.13
N SER B 155 -3.90 -0.84 -11.98
CA SER B 155 -5.27 -0.47 -11.57
C SER B 155 -6.30 -0.86 -12.63
N ASP B 156 -5.97 -0.64 -13.90
CA ASP B 156 -6.81 -1.01 -15.04
C ASP B 156 -6.97 -2.53 -14.99
N PHE B 157 -5.87 -3.23 -14.79
CA PHE B 157 -5.86 -4.68 -14.70
C PHE B 157 -6.89 -5.21 -13.69
N PHE B 158 -6.83 -4.67 -12.48
CA PHE B 158 -7.67 -5.02 -11.37
C PHE B 158 -9.11 -4.58 -11.51
N MET B 159 -9.34 -3.38 -11.99
CA MET B 159 -10.63 -2.76 -12.06
C MET B 159 -11.38 -2.86 -13.37
N ASN B 160 -10.75 -3.10 -14.47
CA ASN B 160 -11.47 -3.13 -15.78
C ASN B 160 -12.20 -4.45 -15.92
N ASP B 161 -13.50 -4.33 -16.00
CA ASP B 161 -14.43 -5.44 -16.16
C ASP B 161 -14.42 -5.86 -17.64
N GLY B 162 -13.95 -4.89 -18.44
CA GLY B 162 -13.90 -5.12 -19.88
C GLY B 162 -12.50 -5.38 -20.38
N ASP B 163 -12.40 -5.54 -21.70
CA ASP B 163 -11.10 -5.76 -22.32
C ASP B 163 -10.35 -4.43 -22.38
N SER B 164 -9.07 -4.53 -22.22
CA SER B 164 -8.14 -3.37 -22.28
C SER B 164 -6.75 -3.95 -22.56
N THR B 165 -5.82 -3.09 -22.87
CA THR B 165 -4.43 -3.48 -23.15
C THR B 165 -3.72 -4.05 -21.93
N ASN B 166 -4.11 -3.69 -20.74
CA ASN B 166 -3.48 -4.07 -19.47
C ASN B 166 -3.89 -5.41 -18.87
N LYS B 167 -4.70 -6.16 -19.58
CA LYS B 167 -5.13 -7.49 -19.09
C LYS B 167 -3.92 -8.43 -19.02
N VAL B 168 -2.87 -8.04 -19.70
CA VAL B 168 -1.63 -8.83 -19.72
C VAL B 168 -0.63 -8.32 -18.68
N PHE B 169 -1.09 -7.50 -17.78
CA PHE B 169 -0.25 -6.88 -16.73
C PHE B 169 0.56 -7.93 -16.00
N TRP B 170 0.00 -9.09 -15.71
CA TRP B 170 0.68 -10.17 -14.98
C TRP B 170 1.10 -11.30 -15.90
N GLY B 171 1.11 -11.05 -17.19
CA GLY B 171 1.52 -12.09 -18.15
C GLY B 171 0.31 -12.76 -18.80
N PRO B 172 0.60 -13.75 -19.61
CA PRO B 172 -0.45 -14.49 -20.35
C PRO B 172 -1.54 -15.00 -19.39
N LEU B 173 -2.77 -14.84 -19.82
CA LEU B 173 -3.95 -15.24 -19.07
C LEU B 173 -4.14 -16.75 -19.13
N VAL B 174 -4.53 -17.29 -17.98
CA VAL B 174 -4.79 -18.71 -17.76
C VAL B 174 -6.30 -19.00 -17.90
CA CA C . 11.14 13.89 11.77
CA CA D . -8.65 -4.82 16.29
CA CA E . -17.94 0.69 11.33
CA CA F . 1.01 -21.25 -2.53
CA CA G . 15.31 0.79 -11.85
CA CA H . 7.28 5.61 -19.47
#